data_8G72
#
_entry.id   8G72
#
_cell.length_a   1.00
_cell.length_b   1.00
_cell.length_c   1.00
_cell.angle_alpha   90.00
_cell.angle_beta   90.00
_cell.angle_gamma   90.00
#
_symmetry.space_group_name_H-M   'P 1'
#
loop_
_entity.id
_entity.type
_entity.pdbx_description
1 polymer Nanosota-2
2 polymer 'Spike glycoprotein'
#
loop_
_entity_poly.entity_id
_entity_poly.type
_entity_poly.pdbx_seq_one_letter_code
_entity_poly.pdbx_strand_id
1 'polypeptide(L)'
;MAQVQLQESGGGAVQPGGSLGLSCTASGFNFETSTVGWFRQAPGKENEGVSCINKGYEDTNYADSVKGRFTISRDAAKNT
VYLQMDSLQPEDTATYYCAAHNEPYFCDYSGRFRWNEYSYYGQGTQVTVSSGGQHHHHHHGAYPYDVPDYAS
;
A
2 'polypeptide(L)'
;QCVNLTTRTQLPPAYTNSFTRGVYYPDKVFRSSVLHSTQDLFLPFFSNVTWFHAIHVSGTNGTKRFDNPVLPFNDGVYFA
STEKSNIIRGWIFGTTLDSKTQSLLIVNNATNVVIKVCEFQFCNDPFLGVYYHKNNKSWMESEFRVYSSANNCTFEYVSQ
PFLMDLEGKQGNFKNLREFVFKNIDGYFKIYSKHTPINLVRDLPQGFSALEPLVDLPIGINITRFQTLLALHRSYLTPGD
SSSGWTAGAAAYYVGYLQPRTFLLKYNENGTITDAVDCALDPLSETKCTLKSFTVEKGIYQTSNFRVQPTESIVRFPNIT
NLCPFGEVFNATRFASVYAWNRKRISNCVADYSVLYNSASFSTFKCYGVSPTKLNDLCFTNVYADSFVIRGDEVRQIAPG
QTGKIADYNYKLPDDFTGCVIAWNSNNLDSKVGGNYNYLYRLFRKSNLKPFERDISTEIYQAGSTPCNGVEGFNCYFPLQ
SYGFQPTNGVGYQPYRVVVLSFELLHAPATVCGPKKSTNLVKNKCVNFNFNGLTGTGVLTESNKKFLPFQQFGRDIADTT
DAVRDPQTLEILDITPCSFGGVSVITPGTNTSNQVAVLYQDVNCTEVPVAIHADQLTPTWRVYSTGSNVFQTRAGCLIGA
EHVNNSYECDIPIGAGICASYQTQTNSPAGARSVASQSIIAYTMSLGAENSVAYSNNSIAIPTNFTISVTTEILPVSMTK
TSVDCTMYICGDSTECSNLLLQYGSFCTQLNRALTGIAVEQDKNTQEVFAQVKQIYKTPPIKDFGGFNFSQILPDPSKPS
KRSPIEDLLFNKVTLADAGFIKQYGDCLGDIAARDLICAQKFNGLTVLPPLLTDEMIAQYTSALLAGTITSGWTFGAGPA
LQIPFPMQMAYRFNGIGVTQNVLYENQKLIANQFNSAIGKIQDSLSSTPSALGKLQDVVNQNAQALNTLVKQLSSNFGAI
SSVLNDILSRLDPPEAEVQIDRLITGRLQSLQTYVTQQLIRAAEIRASANLAATKMSECVLGQSKRVDFCGKGYHLMSFP
QSAPHGVVFLHVTYVPAQEKNFTTAPAICHDGKAHFPREGVFVSNGTHWFVTQRNFYEPQIITTDNTFVSGNCDVVIGIV
NNTVYDPLQPELDSFKEELDKYFKNHTSPDVDLGDISGINASVVNIQKEIDRLNEVAKNLNESLIDLQELGKYEQYIKGS
GYIPEAPRDGQAYVRKDGEWVLLSTFLGHHHHHH
;
B
#
# COMPACT_ATOMS: atom_id res chain seq x y z
N GLN A 3 -10.37 -24.12 14.57
CA GLN A 3 -10.55 -23.37 13.33
C GLN A 3 -11.83 -23.77 12.62
N VAL A 4 -12.03 -23.24 11.42
CA VAL A 4 -13.22 -23.54 10.65
C VAL A 4 -12.97 -24.78 9.80
N GLN A 5 -13.94 -25.69 9.79
CA GLN A 5 -13.85 -26.93 9.03
C GLN A 5 -15.05 -27.03 8.10
N LEU A 6 -14.80 -27.46 6.86
CA LEU A 6 -15.82 -27.50 5.82
C LEU A 6 -15.91 -28.92 5.26
N GLN A 7 -17.13 -29.38 5.02
CA GLN A 7 -17.35 -30.71 4.46
C GLN A 7 -18.35 -30.63 3.31
N GLU A 8 -17.91 -30.96 2.10
CA GLU A 8 -18.79 -31.00 0.96
C GLU A 8 -19.23 -32.43 0.66
N SER A 9 -20.46 -32.58 0.18
CA SER A 9 -20.99 -33.88 -0.17
C SER A 9 -22.09 -33.70 -1.21
N GLY A 10 -22.52 -34.83 -1.79
CA GLY A 10 -23.63 -34.83 -2.72
C GLY A 10 -23.26 -34.87 -4.19
N GLY A 11 -21.97 -34.90 -4.52
CA GLY A 11 -21.57 -34.96 -5.92
C GLY A 11 -21.82 -36.33 -6.52
N GLY A 12 -21.69 -36.38 -7.84
CA GLY A 12 -21.92 -37.62 -8.55
C GLY A 12 -22.03 -37.40 -10.05
N ALA A 13 -22.55 -38.42 -10.72
CA ALA A 13 -22.70 -38.43 -12.17
C ALA A 13 -24.15 -38.11 -12.54
N VAL A 14 -24.33 -37.23 -13.52
CA VAL A 14 -25.66 -36.81 -13.97
C VAL A 14 -25.68 -36.82 -15.49
N GLN A 15 -26.89 -36.81 -16.04
CA GLN A 15 -27.16 -36.77 -17.46
C GLN A 15 -27.74 -35.40 -17.80
N PRO A 16 -27.30 -34.73 -18.88
CA PRO A 16 -27.74 -33.35 -19.14
C PRO A 16 -29.25 -33.19 -19.20
N GLY A 17 -29.76 -32.20 -18.45
CA GLY A 17 -31.17 -32.03 -18.22
C GLY A 17 -31.63 -32.45 -16.85
N GLY A 18 -30.79 -33.17 -16.10
CA GLY A 18 -31.12 -33.63 -14.77
C GLY A 18 -30.83 -32.59 -13.71
N SER A 19 -30.86 -33.07 -12.45
CA SER A 19 -30.65 -32.22 -11.29
C SER A 19 -29.73 -32.94 -10.31
N LEU A 20 -29.06 -32.16 -9.48
CA LEU A 20 -28.19 -32.70 -8.44
C LEU A 20 -28.26 -31.83 -7.20
N GLY A 21 -27.89 -32.42 -6.06
CA GLY A 21 -27.90 -31.68 -4.82
C GLY A 21 -26.59 -31.74 -4.06
N LEU A 22 -25.92 -30.60 -3.90
CA LEU A 22 -24.70 -30.52 -3.11
C LEU A 22 -25.01 -29.95 -1.73
N SER A 23 -24.25 -30.41 -0.74
CA SER A 23 -24.42 -29.99 0.64
C SER A 23 -23.08 -29.60 1.24
N CYS A 24 -23.06 -28.47 1.93
CA CYS A 24 -21.88 -27.97 2.63
C CYS A 24 -22.20 -27.89 4.11
N THR A 25 -21.41 -28.58 4.93
CA THR A 25 -21.52 -28.53 6.38
C THR A 25 -20.33 -27.75 6.93
N ALA A 26 -20.62 -26.75 7.76
CA ALA A 26 -19.60 -25.91 8.37
C ALA A 26 -19.50 -26.18 9.86
N SER A 27 -18.27 -26.10 10.38
CA SER A 27 -18.05 -26.31 11.81
C SER A 27 -16.90 -25.40 12.26
N GLY A 28 -16.80 -25.20 13.56
CA GLY A 28 -15.78 -24.35 14.13
C GLY A 28 -16.11 -22.87 14.09
N PHE A 29 -17.24 -22.50 13.51
CA PHE A 29 -17.67 -21.11 13.41
C PHE A 29 -19.16 -21.10 13.07
N ASN A 30 -19.88 -20.13 13.63
CA ASN A 30 -21.33 -20.06 13.50
C ASN A 30 -21.66 -19.29 12.23
N PHE A 31 -21.94 -20.03 11.14
CA PHE A 31 -22.24 -19.42 9.85
C PHE A 31 -23.75 -19.22 9.68
N GLU A 32 -24.36 -18.55 10.66
CA GLU A 32 -25.76 -18.19 10.58
C GLU A 32 -25.99 -16.71 10.32
N THR A 33 -24.95 -15.88 10.41
CA THR A 33 -25.08 -14.47 10.08
C THR A 33 -23.86 -14.07 9.25
N SER A 34 -23.53 -14.88 8.25
CA SER A 34 -22.36 -14.65 7.42
C SER A 34 -22.56 -15.39 6.10
N THR A 35 -21.74 -15.03 5.11
CA THR A 35 -21.89 -15.54 3.76
C THR A 35 -21.18 -16.88 3.60
N VAL A 36 -21.85 -17.83 2.94
CA VAL A 36 -21.26 -19.11 2.58
C VAL A 36 -21.62 -19.39 1.13
N GLY A 37 -20.65 -19.91 0.36
CA GLY A 37 -20.84 -20.09 -1.06
C GLY A 37 -20.17 -21.33 -1.60
N TRP A 38 -20.50 -21.63 -2.85
CA TRP A 38 -19.95 -22.75 -3.60
C TRP A 38 -19.11 -22.22 -4.76
N PHE A 39 -17.88 -22.74 -4.85
CA PHE A 39 -16.92 -22.47 -5.92
C PHE A 39 -16.70 -23.78 -6.69
N ARG A 40 -16.15 -23.67 -7.89
CA ARG A 40 -15.82 -24.86 -8.65
C ARG A 40 -14.46 -24.70 -9.31
N GLN A 41 -13.82 -25.84 -9.59
CA GLN A 41 -12.64 -25.85 -10.44
C GLN A 41 -12.79 -27.03 -11.40
N ALA A 42 -12.56 -26.76 -12.67
CA ALA A 42 -12.66 -27.83 -13.65
C ALA A 42 -11.35 -27.97 -14.42
N PRO A 43 -11.00 -29.17 -14.87
CA PRO A 43 -9.78 -29.33 -15.66
C PRO A 43 -9.80 -28.46 -16.91
N GLY A 44 -8.81 -27.57 -17.01
CA GLY A 44 -8.77 -26.60 -18.07
C GLY A 44 -9.53 -25.32 -17.80
N LYS A 45 -10.14 -25.17 -16.62
CA LYS A 45 -10.87 -23.97 -16.26
C LYS A 45 -10.37 -23.44 -14.93
N GLU A 46 -10.42 -22.12 -14.79
CA GLU A 46 -9.99 -21.47 -13.56
C GLU A 46 -11.03 -21.68 -12.46
N ASN A 47 -10.58 -21.55 -11.21
CA ASN A 47 -11.49 -21.64 -10.07
C ASN A 47 -12.50 -20.52 -10.12
N GLU A 48 -13.79 -20.88 -10.21
CA GLU A 48 -14.87 -19.92 -10.35
C GLU A 48 -15.90 -20.17 -9.26
N GLY A 49 -16.32 -19.09 -8.59
CA GLY A 49 -17.45 -19.20 -7.68
C GLY A 49 -18.75 -19.26 -8.45
N VAL A 50 -19.62 -20.19 -8.07
CA VAL A 50 -20.89 -20.35 -8.76
C VAL A 50 -22.08 -19.88 -7.91
N SER A 51 -21.99 -19.91 -6.59
CA SER A 51 -23.14 -19.49 -5.82
C SER A 51 -22.70 -18.97 -4.46
N CYS A 52 -23.55 -18.16 -3.84
CA CYS A 52 -23.31 -17.71 -2.48
C CYS A 52 -24.62 -17.25 -1.85
N ILE A 53 -24.74 -17.44 -0.53
CA ILE A 53 -25.92 -17.05 0.22
C ILE A 53 -25.48 -16.45 1.56
N ASN A 54 -26.11 -15.34 1.94
CA ASN A 54 -25.93 -14.73 3.25
C ASN A 54 -27.18 -15.04 4.08
N LYS A 55 -27.01 -15.84 5.14
CA LYS A 55 -28.15 -16.31 5.91
C LYS A 55 -28.78 -15.19 6.74
N GLY A 56 -28.02 -14.13 7.03
CA GLY A 56 -28.55 -13.04 7.82
C GLY A 56 -29.88 -12.54 7.31
N TYR A 57 -30.02 -12.44 5.99
CA TYR A 57 -31.32 -12.25 5.35
C TYR A 57 -31.51 -13.26 4.23
N GLU A 58 -30.57 -14.20 4.08
CA GLU A 58 -30.55 -15.21 3.03
C GLU A 58 -30.43 -14.62 1.63
N ASP A 59 -29.77 -13.47 1.50
CA ASP A 59 -29.59 -12.84 0.20
C ASP A 59 -28.68 -13.70 -0.67
N THR A 60 -29.06 -13.86 -1.93
CA THR A 60 -28.47 -14.86 -2.81
C THR A 60 -27.72 -14.19 -3.96
N ASN A 61 -26.67 -14.86 -4.42
CA ASN A 61 -25.93 -14.44 -5.61
C ASN A 61 -25.48 -15.69 -6.38
N TYR A 62 -25.43 -15.57 -7.71
CA TYR A 62 -25.01 -16.66 -8.58
C TYR A 62 -24.03 -16.13 -9.61
N ALA A 63 -23.14 -17.00 -10.09
CA ALA A 63 -22.27 -16.64 -11.20
C ALA A 63 -23.07 -16.41 -12.47
N ASP A 64 -22.56 -15.53 -13.34
CA ASP A 64 -23.21 -15.31 -14.63
C ASP A 64 -23.25 -16.59 -15.46
N SER A 65 -22.23 -17.45 -15.31
CA SER A 65 -22.21 -18.72 -16.03
C SER A 65 -23.28 -19.67 -15.53
N VAL A 66 -23.84 -19.44 -14.34
CA VAL A 66 -24.83 -20.32 -13.75
C VAL A 66 -26.15 -19.64 -13.48
N LYS A 67 -26.30 -18.37 -13.86
CA LYS A 67 -27.54 -17.64 -13.62
C LYS A 67 -28.72 -18.32 -14.29
N GLY A 68 -29.81 -18.46 -13.54
CA GLY A 68 -31.02 -19.06 -14.06
C GLY A 68 -31.04 -20.57 -14.10
N ARG A 69 -29.99 -21.24 -13.62
CA ARG A 69 -29.91 -22.68 -13.64
C ARG A 69 -29.76 -23.34 -12.28
N PHE A 70 -29.06 -22.69 -11.34
CA PHE A 70 -28.80 -23.26 -10.02
C PHE A 70 -29.52 -22.42 -8.97
N THR A 71 -29.93 -23.07 -7.88
CA THR A 71 -30.55 -22.37 -6.75
C THR A 71 -29.90 -22.80 -5.45
N ILE A 72 -29.44 -21.83 -4.66
CA ILE A 72 -28.77 -22.11 -3.40
C ILE A 72 -29.66 -21.71 -2.23
N SER A 73 -29.61 -22.48 -1.15
CA SER A 73 -30.43 -22.23 0.02
C SER A 73 -29.61 -22.56 1.26
N ARG A 74 -30.05 -22.04 2.39
CA ARG A 74 -29.35 -22.20 3.66
C ARG A 74 -30.31 -22.75 4.70
N ASP A 75 -29.87 -23.80 5.41
CA ASP A 75 -30.68 -24.45 6.44
C ASP A 75 -30.04 -24.15 7.79
N ALA A 76 -30.75 -23.39 8.62
CA ALA A 76 -30.27 -23.07 9.96
C ALA A 76 -30.35 -24.28 10.88
N ALA A 77 -31.44 -25.04 10.80
CA ALA A 77 -31.58 -26.22 11.63
C ALA A 77 -30.50 -27.26 11.32
N LYS A 78 -30.18 -27.43 10.05
CA LYS A 78 -29.09 -28.31 9.64
C LYS A 78 -27.74 -27.60 9.63
N ASN A 79 -27.74 -26.27 9.73
CA ASN A 79 -26.50 -25.47 9.67
C ASN A 79 -25.70 -25.79 8.41
N THR A 80 -26.40 -25.91 7.29
CA THR A 80 -25.78 -26.36 6.05
C THR A 80 -26.21 -25.47 4.90
N VAL A 81 -25.48 -25.58 3.79
CA VAL A 81 -25.77 -24.86 2.57
C VAL A 81 -26.06 -25.89 1.47
N TYR A 82 -27.26 -25.83 0.90
CA TYR A 82 -27.70 -26.79 -0.10
C TYR A 82 -27.84 -26.11 -1.46
N LEU A 83 -27.16 -26.65 -2.46
CA LEU A 83 -27.20 -26.12 -3.82
C LEU A 83 -27.86 -27.15 -4.73
N GLN A 84 -28.95 -26.73 -5.39
CA GLN A 84 -29.70 -27.57 -6.30
C GLN A 84 -29.38 -27.14 -7.74
N MET A 85 -29.00 -28.11 -8.56
CA MET A 85 -28.55 -27.87 -9.93
C MET A 85 -29.56 -28.47 -10.89
N ASP A 86 -30.18 -27.64 -11.70
CA ASP A 86 -31.14 -28.07 -12.71
C ASP A 86 -30.59 -27.82 -14.10
N SER A 87 -30.95 -28.72 -15.02
CA SER A 87 -30.53 -28.63 -16.42
C SER A 87 -29.01 -28.52 -16.54
N LEU A 88 -28.31 -29.49 -15.95
CA LEU A 88 -26.85 -29.47 -15.95
C LEU A 88 -26.27 -29.62 -17.34
N GLN A 89 -25.15 -28.94 -17.56
CA GLN A 89 -24.42 -28.89 -18.81
C GLN A 89 -23.00 -29.38 -18.59
N PRO A 90 -22.30 -29.80 -19.65
CA PRO A 90 -20.94 -30.35 -19.47
C PRO A 90 -19.97 -29.39 -18.79
N GLU A 91 -20.12 -28.07 -19.01
CA GLU A 91 -19.22 -27.11 -18.37
C GLU A 91 -19.37 -27.10 -16.85
N ASP A 92 -20.47 -27.65 -16.31
CA ASP A 92 -20.65 -27.72 -14.87
C ASP A 92 -19.88 -28.86 -14.23
N THR A 93 -19.34 -29.78 -15.02
CA THR A 93 -18.51 -30.85 -14.48
C THR A 93 -17.25 -30.26 -13.87
N ALA A 94 -17.10 -30.43 -12.55
CA ALA A 94 -16.00 -29.81 -11.82
C ALA A 94 -15.98 -30.36 -10.40
N THR A 95 -14.87 -30.08 -9.71
CA THR A 95 -14.79 -30.31 -8.27
C THR A 95 -15.23 -29.05 -7.54
N TYR A 96 -16.20 -29.20 -6.66
CA TYR A 96 -16.84 -28.07 -5.99
C TYR A 96 -16.30 -27.92 -4.58
N TYR A 97 -16.00 -26.68 -4.21
CA TYR A 97 -15.50 -26.33 -2.88
C TYR A 97 -16.52 -25.45 -2.18
N CYS A 98 -16.61 -25.58 -0.87
CA CYS A 98 -17.43 -24.68 -0.07
C CYS A 98 -16.52 -23.67 0.60
N ALA A 99 -16.92 -22.39 0.54
CA ALA A 99 -16.02 -21.32 0.93
C ALA A 99 -16.80 -20.20 1.62
N ALA A 100 -16.08 -19.31 2.28
CA ALA A 100 -16.66 -18.18 2.98
C ALA A 100 -15.66 -17.03 2.98
N HIS A 101 -16.16 -15.83 3.27
CA HIS A 101 -15.34 -14.63 3.33
C HIS A 101 -14.74 -14.49 4.71
N ASN A 102 -13.51 -13.95 4.77
CA ASN A 102 -12.85 -13.75 6.06
C ASN A 102 -13.69 -12.85 6.97
N GLU A 103 -14.15 -11.73 6.44
CA GLU A 103 -15.02 -10.85 7.21
C GLU A 103 -16.47 -11.33 7.09
N PRO A 104 -17.12 -11.69 8.19
CA PRO A 104 -18.53 -12.08 8.12
C PRO A 104 -19.42 -10.87 7.88
N TYR A 105 -20.20 -10.96 6.80
CA TYR A 105 -21.09 -9.86 6.46
C TYR A 105 -22.40 -9.97 7.25
N PHE A 106 -23.09 -8.84 7.35
CA PHE A 106 -24.31 -8.76 8.16
C PHE A 106 -25.47 -8.13 7.38
N CYS A 107 -25.51 -8.26 6.07
CA CYS A 107 -26.50 -7.55 5.27
C CYS A 107 -26.83 -8.38 4.04
N ASP A 108 -27.37 -7.71 3.02
CA ASP A 108 -27.81 -8.33 1.78
C ASP A 108 -26.67 -8.42 0.76
N TYR A 109 -25.43 -8.46 1.22
CA TYR A 109 -24.29 -8.41 0.32
C TYR A 109 -24.31 -9.58 -0.66
N SER A 110 -24.15 -9.26 -1.94
CA SER A 110 -24.01 -10.29 -2.95
C SER A 110 -22.68 -11.01 -2.78
N GLY A 111 -22.67 -12.28 -3.15
CA GLY A 111 -21.51 -13.12 -2.92
C GLY A 111 -20.45 -12.98 -4.00
N ARG A 112 -19.22 -12.79 -3.57
CA ARG A 112 -18.09 -12.70 -4.48
C ARG A 112 -17.75 -14.09 -5.03
N PHE A 113 -17.43 -14.13 -6.33
CA PHE A 113 -17.08 -15.38 -6.99
C PHE A 113 -15.65 -15.37 -7.52
N ARG A 114 -14.76 -14.61 -6.88
CA ARG A 114 -13.34 -14.65 -7.18
C ARG A 114 -12.67 -15.74 -6.37
N TRP A 115 -11.73 -16.45 -7.00
CA TRP A 115 -11.09 -17.59 -6.34
C TRP A 115 -10.32 -17.15 -5.10
N ASN A 116 -9.88 -15.89 -5.05
CA ASN A 116 -9.12 -15.40 -3.90
C ASN A 116 -9.98 -15.24 -2.65
N GLU A 117 -11.25 -15.62 -2.71
CA GLU A 117 -12.23 -15.27 -1.68
C GLU A 117 -12.22 -16.24 -0.49
N TYR A 118 -11.50 -17.34 -0.58
CA TYR A 118 -11.54 -18.36 0.47
C TYR A 118 -10.37 -18.21 1.41
N SER A 119 -10.64 -18.32 2.71
CA SER A 119 -9.61 -18.40 3.75
C SER A 119 -9.47 -19.81 4.29
N TYR A 120 -10.57 -20.48 4.58
CA TYR A 120 -10.60 -21.90 4.91
C TYR A 120 -11.36 -22.64 3.82
N TYR A 121 -10.87 -23.82 3.45
CA TYR A 121 -11.38 -24.54 2.29
C TYR A 121 -11.56 -26.01 2.62
N GLY A 122 -12.64 -26.60 2.10
CA GLY A 122 -12.91 -28.00 2.28
C GLY A 122 -12.25 -28.86 1.21
N GLN A 123 -12.53 -30.16 1.29
CA GLN A 123 -11.94 -31.12 0.35
C GLN A 123 -12.60 -31.08 -1.03
N GLY A 124 -13.86 -30.68 -1.12
CA GLY A 124 -14.52 -30.63 -2.41
C GLY A 124 -15.20 -31.92 -2.77
N THR A 125 -16.20 -31.82 -3.65
CA THR A 125 -16.95 -32.97 -4.12
C THR A 125 -17.06 -32.91 -5.63
N GLN A 126 -16.96 -34.08 -6.29
CA GLN A 126 -16.92 -34.12 -7.74
C GLN A 126 -18.34 -34.18 -8.33
N VAL A 127 -18.57 -33.40 -9.39
CA VAL A 127 -19.81 -33.48 -10.16
C VAL A 127 -19.44 -33.63 -11.62
N THR A 128 -19.95 -34.69 -12.25
CA THR A 128 -19.66 -34.96 -13.67
C THR A 128 -20.97 -35.03 -14.46
N VAL A 129 -21.14 -34.06 -15.36
CA VAL A 129 -22.30 -33.98 -16.23
C VAL A 129 -21.98 -34.67 -17.55
N SER A 130 -22.27 -35.97 -17.64
CA SER A 130 -21.92 -36.73 -18.83
C SER A 130 -22.94 -37.83 -19.12
N GLN B 308 15.83 50.29 -15.42
CA GLN B 308 15.25 49.04 -14.98
C GLN B 308 16.32 47.98 -14.73
N PRO B 309 16.12 47.17 -13.70
CA PRO B 309 17.07 46.09 -13.43
C PRO B 309 17.10 45.09 -14.59
N THR B 310 18.27 44.52 -14.82
CA THR B 310 18.45 43.68 -16.01
C THR B 310 17.77 42.32 -15.85
N GLU B 311 18.21 41.52 -14.87
CA GLU B 311 17.63 40.21 -14.63
C GLU B 311 17.67 39.87 -13.15
N SER B 312 16.79 38.97 -12.75
CA SER B 312 16.68 38.54 -11.36
C SER B 312 17.64 37.39 -11.07
N ILE B 313 18.19 37.40 -9.86
CA ILE B 313 19.28 36.52 -9.46
C ILE B 313 18.97 35.89 -8.11
N VAL B 314 19.23 34.59 -7.98
CA VAL B 314 19.14 33.90 -6.69
C VAL B 314 20.41 33.09 -6.50
N ARG B 315 20.98 33.13 -5.28
CA ARG B 315 22.21 32.40 -4.98
C ARG B 315 22.08 31.70 -3.65
N PHE B 316 22.26 30.38 -3.68
CA PHE B 316 22.02 29.45 -2.59
C PHE B 316 23.21 28.51 -2.46
N PRO B 317 23.48 27.98 -1.26
CA PRO B 317 24.69 27.19 -1.07
C PRO B 317 24.57 25.79 -1.65
N ASN B 318 25.74 25.16 -1.84
CA ASN B 318 25.79 23.83 -2.42
C ASN B 318 25.07 22.82 -1.53
N ILE B 319 24.38 21.87 -2.15
CA ILE B 319 23.64 20.85 -1.41
C ILE B 319 24.63 19.85 -0.82
N THR B 320 24.43 19.52 0.46
CA THR B 320 25.29 18.56 1.15
C THR B 320 24.51 17.36 1.69
N ASN B 321 23.38 17.60 2.38
CA ASN B 321 22.63 16.52 3.00
C ASN B 321 21.64 15.95 2.00
N LEU B 322 21.88 14.70 1.57
CA LEU B 322 20.99 14.00 0.67
C LEU B 322 20.19 12.98 1.48
N CYS B 323 18.88 12.95 1.25
CA CYS B 323 18.05 11.98 1.95
C CYS B 323 18.47 10.56 1.56
N PRO B 324 18.51 9.63 2.52
CA PRO B 324 18.92 8.26 2.20
C PRO B 324 17.83 7.47 1.49
N PHE B 325 17.34 8.03 0.38
CA PHE B 325 16.39 7.31 -0.46
C PHE B 325 17.07 6.17 -1.20
N GLY B 326 18.41 6.14 -1.17
CA GLY B 326 19.15 5.07 -1.82
C GLY B 326 18.82 3.69 -1.27
N GLU B 327 18.26 3.64 -0.06
CA GLU B 327 17.74 2.38 0.46
C GLU B 327 16.56 1.87 -0.35
N VAL B 328 16.12 2.60 -1.37
CA VAL B 328 15.07 2.16 -2.27
C VAL B 328 15.65 1.67 -3.59
N PHE B 329 16.58 2.44 -4.18
CA PHE B 329 17.26 1.97 -5.38
C PHE B 329 18.08 0.71 -5.15
N ASN B 330 18.83 0.65 -4.05
CA ASN B 330 19.83 -0.39 -3.85
C ASN B 330 19.46 -1.33 -2.71
N ALA B 331 18.18 -1.42 -2.36
CA ALA B 331 17.76 -2.34 -1.31
C ALA B 331 17.91 -3.78 -1.78
N THR B 332 18.69 -4.54 -1.02
CA THR B 332 19.00 -5.91 -1.43
C THR B 332 18.31 -6.94 -0.55
N ARG B 333 17.95 -6.58 0.68
CA ARG B 333 17.42 -7.55 1.64
C ARG B 333 16.12 -7.05 2.25
N PHE B 334 15.35 -7.97 2.81
CA PHE B 334 14.08 -7.69 3.44
C PHE B 334 14.26 -7.39 4.92
N ALA B 335 13.33 -6.63 5.47
CA ALA B 335 13.38 -6.27 6.88
C ALA B 335 12.98 -7.45 7.76
N SER B 336 13.22 -7.29 9.06
CA SER B 336 12.82 -8.30 10.03
C SER B 336 11.30 -8.37 10.14
N VAL B 337 10.81 -9.48 10.69
CA VAL B 337 9.37 -9.69 10.79
C VAL B 337 8.70 -8.62 11.64
N TYR B 338 9.34 -8.22 12.74
CA TYR B 338 8.74 -7.24 13.64
C TYR B 338 8.78 -5.82 13.09
N ALA B 339 9.58 -5.57 12.05
CA ALA B 339 10.06 -4.23 11.74
C ALA B 339 9.91 -3.90 10.26
N TRP B 340 8.71 -4.09 9.71
CA TRP B 340 8.43 -3.52 8.39
C TRP B 340 8.78 -2.03 8.42
N ASN B 341 9.49 -1.58 7.38
CA ASN B 341 10.46 -0.49 7.56
C ASN B 341 9.75 0.83 7.80
N ARG B 342 9.74 1.27 9.04
CA ARG B 342 9.11 2.52 9.47
C ARG B 342 10.19 3.41 10.07
N LYS B 343 10.69 4.35 9.27
CA LYS B 343 11.83 5.15 9.68
C LYS B 343 11.48 6.64 9.71
N ARG B 344 11.99 7.32 10.72
CA ARG B 344 11.87 8.77 10.87
C ARG B 344 12.97 9.45 10.05
N ILE B 345 12.59 10.51 9.35
CA ILE B 345 13.50 11.25 8.49
C ILE B 345 13.41 12.72 8.89
N SER B 346 14.55 13.30 9.23
CA SER B 346 14.64 14.69 9.66
C SER B 346 16.08 15.15 9.53
N ASN B 347 16.28 16.45 9.66
CA ASN B 347 17.62 17.07 9.63
C ASN B 347 18.36 16.73 8.33
N CYS B 348 17.64 16.82 7.22
CA CYS B 348 18.25 16.54 5.92
C CYS B 348 17.39 17.17 4.84
N VAL B 349 18.00 17.36 3.67
CA VAL B 349 17.31 17.89 2.50
C VAL B 349 16.81 16.73 1.64
N ALA B 350 15.54 16.78 1.28
CA ALA B 350 14.89 15.68 0.55
C ALA B 350 14.87 16.02 -0.94
N ASP B 351 15.67 15.30 -1.72
CA ASP B 351 15.77 15.49 -3.16
C ASP B 351 14.79 14.55 -3.85
N TYR B 352 13.71 15.11 -4.40
CA TYR B 352 12.73 14.32 -5.12
C TYR B 352 12.85 14.45 -6.63
N SER B 353 13.85 15.19 -7.12
CA SER B 353 13.92 15.49 -8.55
C SER B 353 14.09 14.24 -9.40
N VAL B 354 14.78 13.22 -8.88
CA VAL B 354 14.98 11.99 -9.64
C VAL B 354 13.66 11.27 -9.88
N LEU B 355 12.75 11.33 -8.90
CA LEU B 355 11.50 10.58 -9.00
C LEU B 355 10.59 11.15 -10.06
N TYR B 356 10.66 12.46 -10.32
CA TYR B 356 9.79 13.06 -11.32
C TYR B 356 10.04 12.47 -12.70
N ASN B 357 11.30 12.33 -13.09
CA ASN B 357 11.65 11.89 -14.43
C ASN B 357 12.13 10.45 -14.48
N SER B 358 12.04 9.70 -13.38
CA SER B 358 12.42 8.29 -13.41
C SER B 358 11.51 7.49 -14.33
N ALA B 359 10.20 7.59 -14.13
CA ALA B 359 9.19 7.09 -15.07
C ALA B 359 9.31 5.60 -15.37
N SER B 360 10.15 4.89 -14.62
CA SER B 360 10.42 3.48 -14.90
C SER B 360 9.81 2.53 -13.88
N PHE B 361 8.99 3.03 -12.96
CA PHE B 361 8.47 2.23 -11.87
C PHE B 361 6.95 2.20 -11.91
N SER B 362 6.36 1.24 -11.19
CA SER B 362 4.95 0.92 -11.37
C SER B 362 4.03 2.10 -11.11
N THR B 363 4.06 2.66 -9.89
CA THR B 363 3.25 3.83 -9.61
C THR B 363 4.03 4.78 -8.70
N PHE B 364 3.77 6.07 -8.85
CA PHE B 364 4.17 7.03 -7.81
C PHE B 364 3.12 8.14 -7.86
N LYS B 365 2.10 8.00 -7.02
CA LYS B 365 0.99 8.93 -6.99
C LYS B 365 0.92 9.49 -5.58
N CYS B 366 0.73 10.80 -5.46
CA CYS B 366 0.80 11.38 -4.15
C CYS B 366 0.00 12.66 -3.96
N TYR B 367 -0.63 12.76 -2.78
CA TYR B 367 -1.85 13.52 -2.61
C TYR B 367 -1.72 14.51 -1.45
N GLY B 368 -2.37 15.66 -1.61
CA GLY B 368 -2.30 16.78 -0.68
C GLY B 368 -1.34 17.87 -1.08
N VAL B 369 -0.42 17.60 -2.00
CA VAL B 369 0.57 18.58 -2.45
C VAL B 369 0.80 18.37 -3.94
N SER B 370 0.86 19.48 -4.68
CA SER B 370 1.23 19.37 -6.09
C SER B 370 2.68 18.91 -6.20
N PRO B 371 3.00 18.09 -7.21
CA PRO B 371 4.35 17.50 -7.26
C PRO B 371 5.47 18.52 -7.33
N THR B 372 5.27 19.63 -8.05
CA THR B 372 6.36 20.56 -8.33
C THR B 372 6.56 21.62 -7.25
N LYS B 373 5.79 21.58 -6.17
CA LYS B 373 5.92 22.54 -5.08
C LYS B 373 6.47 21.92 -3.80
N LEU B 374 7.07 20.74 -3.89
CA LEU B 374 7.64 20.12 -2.70
C LEU B 374 8.79 20.93 -2.12
N ASN B 375 9.59 21.57 -2.98
CA ASN B 375 10.70 22.37 -2.49
C ASN B 375 10.25 23.58 -1.68
N ASP B 376 9.04 24.08 -1.93
CA ASP B 376 8.53 25.23 -1.20
C ASP B 376 8.12 24.90 0.22
N LEU B 377 7.50 23.75 0.44
CA LEU B 377 7.02 23.40 1.77
C LEU B 377 8.13 22.82 2.63
N CYS B 378 8.00 23.01 3.94
CA CYS B 378 8.94 22.48 4.92
C CYS B 378 8.16 21.75 6.00
N PHE B 379 8.64 20.58 6.39
CA PHE B 379 7.93 19.74 7.34
C PHE B 379 8.85 19.35 8.49
N THR B 380 8.23 19.16 9.66
CA THR B 380 8.99 18.76 10.84
C THR B 380 9.56 17.36 10.69
N ASN B 381 8.78 16.44 10.12
CA ASN B 381 9.19 15.03 10.09
C ASN B 381 8.69 14.40 8.80
N VAL B 382 9.38 13.32 8.41
CA VAL B 382 8.95 12.48 7.29
C VAL B 382 8.98 11.03 7.77
N TYR B 383 7.84 10.35 7.71
CA TYR B 383 7.81 8.93 8.00
C TYR B 383 7.87 8.14 6.70
N ALA B 384 8.88 7.28 6.59
CA ALA B 384 9.00 6.37 5.45
C ALA B 384 8.57 4.99 5.92
N ASP B 385 7.39 4.55 5.46
CA ASP B 385 6.85 3.25 5.81
C ASP B 385 6.83 2.39 4.55
N SER B 386 7.63 1.34 4.55
CA SER B 386 7.72 0.43 3.42
C SER B 386 7.31 -0.98 3.83
N PHE B 387 6.47 -1.57 2.98
CA PHE B 387 5.98 -2.94 3.06
C PHE B 387 6.17 -3.57 1.69
N VAL B 388 5.87 -4.86 1.58
CA VAL B 388 5.78 -5.55 0.30
C VAL B 388 4.42 -6.24 0.24
N ILE B 389 3.64 -5.95 -0.80
CA ILE B 389 2.27 -6.44 -0.87
C ILE B 389 2.06 -6.97 -2.28
N ARG B 390 0.99 -7.71 -2.52
CA ARG B 390 0.77 -8.26 -3.85
C ARG B 390 0.02 -7.27 -4.75
N GLY B 391 0.08 -7.56 -6.05
CA GLY B 391 -0.35 -6.58 -7.04
C GLY B 391 -1.84 -6.26 -6.96
N ASP B 392 -2.65 -7.24 -6.58
CA ASP B 392 -4.10 -7.07 -6.63
C ASP B 392 -4.58 -5.92 -5.76
N GLU B 393 -3.80 -5.52 -4.76
CA GLU B 393 -4.18 -4.45 -3.86
C GLU B 393 -3.52 -3.10 -4.18
N VAL B 394 -2.70 -3.02 -5.24
CA VAL B 394 -1.90 -1.81 -5.45
C VAL B 394 -2.79 -0.59 -5.66
N ARG B 395 -3.86 -0.73 -6.43
CA ARG B 395 -4.76 0.41 -6.63
C ARG B 395 -5.65 0.64 -5.43
N GLN B 396 -5.81 -0.36 -4.56
CA GLN B 396 -6.60 -0.21 -3.34
C GLN B 396 -5.82 0.31 -2.15
N ILE B 397 -4.50 0.47 -2.25
CA ILE B 397 -3.73 1.15 -1.21
C ILE B 397 -3.74 2.64 -1.54
N ALA B 398 -4.64 3.35 -0.86
CA ALA B 398 -4.82 4.79 -1.05
C ALA B 398 -5.68 5.34 0.07
N PRO B 399 -5.42 6.56 0.54
CA PRO B 399 -6.26 7.14 1.60
C PRO B 399 -7.69 7.30 1.14
N GLY B 400 -8.63 7.03 2.05
CA GLY B 400 -10.04 7.13 1.77
C GLY B 400 -10.66 5.87 1.21
N GLN B 401 -9.86 4.86 0.86
CA GLN B 401 -10.37 3.62 0.33
C GLN B 401 -10.45 2.57 1.44
N THR B 402 -10.88 1.37 1.05
CA THR B 402 -11.05 0.26 1.99
C THR B 402 -9.93 -0.76 1.76
N GLY B 403 -9.94 -1.80 2.59
CA GLY B 403 -8.92 -2.82 2.56
C GLY B 403 -8.68 -3.42 3.93
N LYS B 404 -8.04 -4.59 3.92
CA LYS B 404 -7.84 -5.33 5.17
C LYS B 404 -6.64 -4.80 5.94
N ILE B 405 -5.49 -4.68 5.28
CA ILE B 405 -4.26 -4.34 5.98
C ILE B 405 -4.30 -2.89 6.46
N ALA B 406 -4.74 -1.97 5.61
CA ALA B 406 -4.74 -0.56 5.99
C ALA B 406 -5.73 -0.26 7.10
N ASP B 407 -6.77 -1.08 7.24
CA ASP B 407 -7.80 -0.83 8.25
C ASP B 407 -7.52 -1.56 9.55
N TYR B 408 -6.99 -2.79 9.47
CA TYR B 408 -6.90 -3.64 10.64
C TYR B 408 -5.53 -3.68 11.29
N ASN B 409 -4.54 -2.95 10.76
CA ASN B 409 -3.21 -2.91 11.36
C ASN B 409 -2.85 -1.52 11.88
N TYR B 410 -2.88 -0.50 11.02
CA TYR B 410 -2.52 0.87 11.40
C TYR B 410 -3.34 1.82 10.55
N LYS B 411 -3.99 2.78 11.20
CA LYS B 411 -4.97 3.64 10.55
C LYS B 411 -4.29 4.83 9.89
N LEU B 412 -4.73 5.14 8.67
CA LEU B 412 -4.40 6.35 7.95
C LEU B 412 -5.64 7.22 7.80
N PRO B 413 -5.52 8.53 8.02
CA PRO B 413 -6.71 9.40 7.93
C PRO B 413 -7.29 9.39 6.53
N ASP B 414 -8.60 9.62 6.43
CA ASP B 414 -9.28 9.62 5.15
C ASP B 414 -8.66 10.63 4.19
N ASP B 415 -8.29 11.80 4.70
CA ASP B 415 -7.55 12.80 3.93
C ASP B 415 -6.06 12.74 4.18
N PHE B 416 -5.51 11.54 4.35
CA PHE B 416 -4.08 11.39 4.56
C PHE B 416 -3.30 12.00 3.42
N THR B 417 -2.48 13.00 3.74
CA THR B 417 -1.69 13.72 2.74
C THR B 417 -0.28 13.18 2.86
N GLY B 418 0.25 12.72 1.75
CA GLY B 418 1.48 11.96 1.75
C GLY B 418 1.62 11.32 0.39
N CYS B 419 2.74 10.62 0.18
CA CYS B 419 3.14 10.35 -1.18
C CYS B 419 3.54 8.89 -1.34
N VAL B 420 2.78 8.15 -2.15
CA VAL B 420 2.81 6.69 -2.15
C VAL B 420 3.41 6.19 -3.47
N ILE B 421 4.37 5.28 -3.39
CA ILE B 421 5.06 4.73 -4.56
C ILE B 421 5.00 3.21 -4.49
N ALA B 422 4.83 2.57 -5.64
CA ALA B 422 4.87 1.12 -5.77
C ALA B 422 5.90 0.74 -6.84
N TRP B 423 6.69 -0.28 -6.52
CA TRP B 423 7.96 -0.61 -7.15
C TRP B 423 7.94 -2.03 -7.65
N ASN B 424 8.47 -2.24 -8.86
CA ASN B 424 8.62 -3.58 -9.41
C ASN B 424 9.77 -4.32 -8.72
N SER B 425 9.52 -5.57 -8.36
CA SER B 425 10.52 -6.46 -7.83
C SER B 425 10.50 -7.80 -8.57
N ASN B 426 10.18 -7.74 -9.86
CA ASN B 426 9.89 -8.95 -10.61
C ASN B 426 11.15 -9.77 -10.90
N ASN B 427 12.24 -9.12 -11.30
CA ASN B 427 13.41 -9.83 -11.78
C ASN B 427 14.53 -9.92 -10.75
N LEU B 428 14.39 -9.28 -9.59
CA LEU B 428 15.46 -9.25 -8.60
C LEU B 428 15.08 -9.95 -7.30
N ASP B 429 13.95 -9.57 -6.70
CA ASP B 429 13.57 -10.10 -5.40
C ASP B 429 12.61 -11.28 -5.47
N SER B 430 11.88 -11.43 -6.58
CA SER B 430 11.02 -12.59 -6.74
C SER B 430 11.87 -13.86 -6.81
N LYS B 431 11.32 -14.95 -6.28
CA LYS B 431 12.04 -16.21 -6.19
C LYS B 431 11.39 -17.22 -7.13
N VAL B 432 12.23 -18.01 -7.81
CA VAL B 432 11.73 -18.99 -8.76
C VAL B 432 10.86 -20.03 -8.05
N GLY B 433 11.32 -20.53 -6.90
CA GLY B 433 10.56 -21.47 -6.11
C GLY B 433 9.53 -20.85 -5.20
N GLY B 434 9.47 -19.53 -5.14
CA GLY B 434 8.51 -18.84 -4.28
C GLY B 434 9.10 -18.42 -2.94
N ASN B 435 8.95 -17.14 -2.61
CA ASN B 435 9.38 -16.62 -1.31
C ASN B 435 8.20 -16.72 -0.34
N TYR B 436 8.41 -17.46 0.75
CA TYR B 436 7.34 -17.84 1.67
C TYR B 436 7.26 -16.91 2.87
N ASN B 437 7.66 -15.65 2.71
CA ASN B 437 7.82 -14.72 3.82
C ASN B 437 6.57 -13.90 4.13
N TYR B 438 5.44 -14.21 3.50
CA TYR B 438 4.28 -13.32 3.50
C TYR B 438 3.19 -13.86 4.41
N LEU B 439 2.74 -13.02 5.35
CA LEU B 439 1.69 -13.38 6.30
C LEU B 439 0.60 -12.32 6.30
N TYR B 440 -0.55 -12.68 6.85
CA TYR B 440 -1.70 -11.78 6.97
C TYR B 440 -2.30 -11.83 8.37
N ARG B 441 -2.58 -10.66 8.92
CA ARG B 441 -3.39 -10.53 10.12
C ARG B 441 -4.82 -10.19 9.70
N LEU B 442 -5.78 -10.98 10.17
CA LEU B 442 -7.11 -10.98 9.58
C LEU B 442 -8.20 -10.41 10.48
N PHE B 443 -8.08 -10.53 11.80
CA PHE B 443 -9.22 -10.33 12.68
C PHE B 443 -8.97 -9.23 13.71
N ARG B 444 -10.02 -8.45 13.98
CA ARG B 444 -10.12 -7.62 15.16
C ARG B 444 -11.50 -7.80 15.77
N LYS B 445 -11.52 -8.11 17.07
CA LYS B 445 -12.80 -8.21 17.77
C LYS B 445 -13.11 -6.96 18.57
N SER B 446 -12.11 -6.42 19.28
CA SER B 446 -12.29 -5.18 20.03
C SER B 446 -10.92 -4.58 20.29
N ASN B 447 -10.91 -3.31 20.68
CA ASN B 447 -9.67 -2.61 20.97
C ASN B 447 -9.20 -2.93 22.39
N ILE B 459 -1.20 -16.69 24.87
CA ILE B 459 -0.53 -16.85 23.58
C ILE B 459 -1.57 -16.76 22.46
N TYR B 460 -1.19 -16.13 21.35
CA TYR B 460 -2.06 -16.06 20.19
C TYR B 460 -2.42 -17.46 19.69
N GLN B 461 -3.70 -17.78 19.77
CA GLN B 461 -4.24 -19.03 19.24
C GLN B 461 -5.36 -18.70 18.28
N ALA B 462 -5.41 -19.41 17.15
CA ALA B 462 -6.46 -19.20 16.17
C ALA B 462 -7.84 -19.57 16.71
N GLY B 463 -7.90 -20.42 17.73
CA GLY B 463 -9.14 -20.79 18.37
C GLY B 463 -9.46 -19.92 19.58
N SER B 464 -10.45 -20.36 20.34
CA SER B 464 -10.86 -19.63 21.54
C SER B 464 -10.42 -20.29 22.83
N THR B 465 -10.22 -21.61 22.83
CA THR B 465 -9.86 -22.38 24.01
C THR B 465 -8.34 -22.54 24.10
N PRO B 466 -7.77 -22.41 25.29
CA PRO B 466 -6.30 -22.58 25.42
C PRO B 466 -5.90 -24.04 25.47
N CYS B 467 -4.77 -24.34 24.83
CA CYS B 467 -4.26 -25.70 24.77
C CYS B 467 -3.53 -26.11 26.05
N ASN B 468 -2.76 -25.19 26.64
CA ASN B 468 -1.94 -25.48 27.81
C ASN B 468 -0.98 -26.65 27.57
N GLY B 469 -0.47 -26.76 26.35
CA GLY B 469 0.46 -27.81 26.01
C GLY B 469 -0.13 -29.18 25.84
N VAL B 470 -1.45 -29.29 25.66
CA VAL B 470 -2.14 -30.57 25.53
C VAL B 470 -2.77 -30.63 24.14
N GLU B 471 -2.54 -31.76 23.46
CA GLU B 471 -3.11 -31.95 22.13
C GLU B 471 -4.63 -32.05 22.20
N GLY B 472 -5.29 -31.53 21.17
CA GLY B 472 -6.74 -31.60 21.10
C GLY B 472 -7.36 -30.57 20.18
N PHE B 473 -8.59 -30.16 20.49
CA PHE B 473 -9.31 -29.20 19.65
C PHE B 473 -8.66 -27.83 19.73
N ASN B 474 -8.60 -27.14 18.60
CA ASN B 474 -7.96 -25.82 18.50
C ASN B 474 -6.51 -25.86 18.94
N CYS B 475 -5.85 -26.98 18.65
CA CYS B 475 -4.43 -27.17 18.94
C CYS B 475 -3.77 -27.68 17.67
N TYR B 476 -2.74 -26.97 17.20
CA TYR B 476 -2.27 -27.21 15.84
C TYR B 476 -0.77 -27.49 15.78
N PHE B 477 -0.25 -27.62 14.57
CA PHE B 477 1.14 -27.97 14.30
C PHE B 477 1.93 -26.71 13.99
N PRO B 478 3.23 -26.68 14.33
CA PRO B 478 3.99 -25.43 14.13
C PRO B 478 3.97 -24.91 12.70
N LEU B 479 4.06 -25.77 11.70
CA LEU B 479 4.05 -25.30 10.32
C LEU B 479 3.77 -26.47 9.37
N GLN B 480 2.94 -26.19 8.37
CA GLN B 480 2.78 -27.06 7.21
C GLN B 480 3.13 -26.24 5.97
N SER B 481 3.69 -26.91 4.97
CA SER B 481 4.18 -26.21 3.78
C SER B 481 3.07 -25.37 3.15
N TYR B 482 3.37 -24.10 2.93
CA TYR B 482 2.37 -23.15 2.45
C TYR B 482 2.54 -22.93 0.94
N GLY B 483 1.41 -22.71 0.27
CA GLY B 483 1.41 -22.59 -1.18
C GLY B 483 1.65 -21.20 -1.74
N PHE B 484 2.87 -20.68 -1.59
CA PHE B 484 3.24 -19.42 -2.23
C PHE B 484 4.02 -19.72 -3.50
N GLN B 485 3.58 -19.16 -4.62
CA GLN B 485 4.18 -19.49 -5.91
C GLN B 485 4.28 -18.23 -6.75
N PRO B 486 5.34 -18.09 -7.55
CA PRO B 486 5.44 -16.93 -8.44
C PRO B 486 4.71 -17.11 -9.77
N THR B 487 4.26 -18.32 -10.08
CA THR B 487 3.80 -18.65 -11.43
C THR B 487 2.59 -17.81 -11.84
N ASN B 488 1.93 -17.18 -10.88
CA ASN B 488 0.72 -16.40 -11.14
C ASN B 488 0.95 -15.30 -12.17
N GLY B 489 -0.15 -14.76 -12.69
CA GLY B 489 -0.10 -13.80 -13.78
C GLY B 489 0.48 -12.46 -13.39
N VAL B 490 0.57 -11.58 -14.41
CA VAL B 490 1.25 -10.30 -14.24
C VAL B 490 0.57 -9.44 -13.17
N GLY B 491 -0.77 -9.48 -13.12
CA GLY B 491 -1.48 -8.72 -12.12
C GLY B 491 -1.25 -9.23 -10.71
N TYR B 492 -0.67 -10.42 -10.57
CA TYR B 492 -0.66 -11.12 -9.31
C TYR B 492 0.70 -11.22 -8.63
N GLN B 493 1.79 -10.72 -9.27
CA GLN B 493 3.04 -10.69 -8.52
C GLN B 493 2.99 -9.67 -7.38
N PRO B 494 3.77 -9.90 -6.33
CA PRO B 494 3.96 -8.87 -5.32
C PRO B 494 4.90 -7.77 -5.82
N TYR B 495 4.66 -6.57 -5.32
CA TYR B 495 5.47 -5.39 -5.58
C TYR B 495 5.69 -4.68 -4.25
N ARG B 496 6.71 -3.82 -4.20
CA ARG B 496 7.04 -3.10 -2.99
C ARG B 496 6.22 -1.81 -2.89
N VAL B 497 5.81 -1.45 -1.68
CA VAL B 497 5.03 -0.25 -1.44
C VAL B 497 5.76 0.60 -0.41
N VAL B 498 5.87 1.90 -0.68
CA VAL B 498 6.50 2.84 0.24
C VAL B 498 5.62 4.07 0.35
N VAL B 499 5.42 4.54 1.57
CA VAL B 499 4.64 5.73 1.84
C VAL B 499 5.57 6.75 2.50
N LEU B 500 5.65 7.94 1.92
CA LEU B 500 6.42 9.03 2.51
C LEU B 500 5.40 10.03 3.05
N SER B 501 5.27 10.10 4.37
CA SER B 501 4.29 10.98 4.99
C SER B 501 4.98 12.20 5.56
N PHE B 502 4.45 13.38 5.24
CA PHE B 502 5.01 14.65 5.69
C PHE B 502 4.19 15.15 6.87
N GLU B 503 4.86 15.52 7.96
CA GLU B 503 4.19 16.04 9.14
C GLU B 503 4.68 17.45 9.43
N LEU B 504 3.75 18.39 9.51
CA LEU B 504 4.03 19.78 9.87
C LEU B 504 3.40 20.00 11.25
N LEU B 505 4.25 20.19 12.25
CA LEU B 505 3.79 20.31 13.63
C LEU B 505 4.61 21.41 14.30
N HIS B 506 4.47 21.55 15.63
CA HIS B 506 5.11 22.62 16.37
C HIS B 506 6.55 22.21 16.70
N ALA B 507 7.46 22.55 15.79
CA ALA B 507 8.88 22.26 15.95
C ALA B 507 9.66 23.21 15.07
N PRO B 508 10.92 23.48 15.39
CA PRO B 508 11.75 24.31 14.50
C PRO B 508 11.90 23.66 13.14
N ALA B 509 11.89 24.49 12.10
CA ALA B 509 11.97 23.99 10.73
C ALA B 509 13.36 23.42 10.47
N THR B 510 13.44 22.11 10.25
CA THR B 510 14.71 21.43 10.02
C THR B 510 14.81 20.78 8.66
N VAL B 511 13.69 20.40 8.04
CA VAL B 511 13.69 19.73 6.74
C VAL B 511 13.28 20.76 5.69
N CYS B 512 14.14 20.96 4.70
CA CYS B 512 13.89 21.90 3.63
C CYS B 512 14.23 21.26 2.29
N GLY B 513 13.48 21.60 1.26
CA GLY B 513 13.75 21.12 -0.07
C GLY B 513 14.95 21.78 -0.68
N PRO B 514 15.57 21.14 -1.68
CA PRO B 514 16.73 21.74 -2.34
C PRO B 514 16.35 23.03 -3.05
N LYS B 515 17.20 24.04 -2.87
CA LYS B 515 16.96 25.37 -3.41
C LYS B 515 18.03 25.69 -4.46
N LYS B 516 17.63 25.68 -5.72
CA LYS B 516 18.59 25.81 -6.82
C LYS B 516 18.91 27.27 -7.13
N SER B 517 20.15 27.52 -7.52
CA SER B 517 20.65 28.85 -7.89
C SER B 517 21.14 28.86 -9.33
N THR B 518 21.73 29.98 -9.74
CA THR B 518 22.15 30.18 -11.12
C THR B 518 23.57 30.77 -11.17
N ASN B 519 24.02 31.06 -12.39
CA ASN B 519 25.31 31.71 -12.61
C ASN B 519 25.24 33.19 -12.25
N LEU B 520 26.36 33.72 -11.77
CA LEU B 520 26.40 35.06 -11.19
C LEU B 520 27.01 36.06 -12.16
N VAL B 521 26.39 37.23 -12.28
CA VAL B 521 26.85 38.31 -13.13
C VAL B 521 27.05 39.54 -12.25
N LYS B 522 28.20 40.21 -12.44
CA LYS B 522 28.63 41.30 -11.57
C LYS B 522 28.55 42.63 -12.32
N ASN B 523 28.39 43.71 -11.54
CA ASN B 523 28.48 45.09 -12.02
C ASN B 523 27.35 45.46 -12.97
N LYS B 524 26.16 44.91 -12.73
CA LYS B 524 24.99 45.27 -13.51
C LYS B 524 23.84 45.55 -12.55
N CYS B 525 22.93 46.43 -12.96
CA CYS B 525 21.74 46.73 -12.16
C CYS B 525 20.82 45.51 -12.18
N VAL B 526 20.80 44.76 -11.08
CA VAL B 526 20.09 43.49 -11.03
C VAL B 526 19.30 43.38 -9.73
N ASN B 527 18.33 42.47 -9.74
CA ASN B 527 17.70 42.00 -8.52
C ASN B 527 18.48 40.81 -7.98
N PHE B 528 18.67 40.76 -6.66
CA PHE B 528 19.41 39.68 -6.03
C PHE B 528 18.64 39.10 -4.86
N ASN B 529 18.82 37.80 -4.68
CA ASN B 529 18.11 37.00 -3.67
C ASN B 529 19.14 36.03 -3.09
N PHE B 530 19.75 36.41 -1.98
CA PHE B 530 20.77 35.61 -1.34
C PHE B 530 20.17 34.98 -0.08
N ASN B 531 19.88 33.68 -0.15
CA ASN B 531 19.28 32.92 0.95
C ASN B 531 18.02 33.60 1.47
N GLY B 532 17.20 34.10 0.55
CA GLY B 532 15.97 34.79 0.89
C GLY B 532 16.10 36.28 1.08
N LEU B 533 17.31 36.81 1.11
CA LEU B 533 17.52 38.25 1.25
C LEU B 533 17.37 38.88 -0.12
N THR B 534 16.31 39.67 -0.29
CA THR B 534 15.94 40.28 -1.57
C THR B 534 16.37 41.74 -1.61
N GLY B 535 16.84 42.16 -2.77
CA GLY B 535 17.19 43.56 -2.97
C GLY B 535 17.43 43.83 -4.44
N THR B 536 17.66 45.10 -4.74
CA THR B 536 17.91 45.55 -6.11
C THR B 536 19.02 46.60 -6.11
N GLY B 537 19.92 46.52 -7.09
CA GLY B 537 20.98 47.50 -7.18
C GLY B 537 22.14 46.96 -7.98
N VAL B 538 23.30 47.59 -7.80
CA VAL B 538 24.54 47.08 -8.38
C VAL B 538 25.60 46.99 -7.28
N LEU B 539 26.38 45.92 -7.35
CA LEU B 539 27.27 45.52 -6.26
C LEU B 539 28.69 46.01 -6.52
N THR B 540 29.41 46.34 -5.45
CA THR B 540 30.84 46.66 -5.51
C THR B 540 31.56 45.93 -4.39
N GLU B 541 32.81 45.54 -4.66
CA GLU B 541 33.58 44.80 -3.66
C GLU B 541 33.98 45.71 -2.51
N SER B 542 33.83 45.20 -1.29
CA SER B 542 34.28 45.87 -0.08
C SER B 542 35.27 44.99 0.66
N ASN B 543 36.33 45.62 1.18
CA ASN B 543 37.41 44.90 1.84
C ASN B 543 37.38 45.00 3.35
N LYS B 544 36.28 45.45 3.95
CA LYS B 544 36.22 45.58 5.39
C LYS B 544 36.27 44.19 6.05
N LYS B 545 36.76 44.17 7.29
CA LYS B 545 37.06 42.92 7.98
C LYS B 545 35.78 42.34 8.59
N PHE B 546 35.22 41.34 7.93
CA PHE B 546 34.17 40.50 8.49
C PHE B 546 34.59 39.04 8.48
N LEU B 547 34.46 38.39 9.62
CA LEU B 547 34.66 36.95 9.66
C LEU B 547 33.49 36.26 8.96
N PRO B 548 33.71 35.06 8.41
CA PRO B 548 32.68 34.44 7.55
C PRO B 548 31.35 34.22 8.24
N PHE B 549 31.33 34.11 9.57
CA PHE B 549 30.10 33.88 10.31
C PHE B 549 29.44 35.17 10.76
N GLN B 550 29.98 36.32 10.39
CA GLN B 550 29.52 37.60 10.91
C GLN B 550 28.50 38.23 9.99
N GLN B 551 27.35 38.57 10.56
CA GLN B 551 26.25 39.23 9.85
C GLN B 551 25.91 40.61 10.38
N PHE B 552 25.84 40.77 11.71
CA PHE B 552 25.47 42.02 12.35
C PHE B 552 26.66 42.65 13.07
N GLY B 553 26.71 43.98 13.01
CA GLY B 553 27.71 44.76 13.70
C GLY B 553 27.29 46.20 13.84
N ARG B 554 27.91 46.95 14.77
CA ARG B 554 27.55 48.35 14.96
C ARG B 554 28.82 49.21 14.91
N ASP B 555 29.22 49.56 13.69
CA ASP B 555 30.16 50.66 13.52
C ASP B 555 29.54 51.78 12.69
N ILE B 556 28.61 51.44 11.80
CA ILE B 556 27.83 52.42 11.05
C ILE B 556 26.38 52.46 11.53
N ALA B 557 25.82 51.34 11.99
CA ALA B 557 24.57 51.22 12.72
C ALA B 557 23.32 51.58 11.92
N ASP B 558 23.36 51.62 10.58
CA ASP B 558 22.22 52.13 9.83
C ASP B 558 21.62 51.16 8.82
N THR B 559 22.41 50.26 8.22
CA THR B 559 21.94 49.53 7.06
C THR B 559 22.57 48.14 7.03
N THR B 560 21.92 47.21 6.34
CA THR B 560 22.49 45.90 6.04
C THR B 560 23.57 46.15 5.00
N ASP B 561 24.78 46.46 5.47
CA ASP B 561 25.80 47.04 4.61
C ASP B 561 26.21 46.11 3.49
N ALA B 562 26.52 44.85 3.82
CA ALA B 562 27.23 43.98 2.92
C ALA B 562 26.56 42.61 2.88
N VAL B 563 26.88 41.86 1.83
CA VAL B 563 26.33 40.53 1.63
C VAL B 563 27.44 39.65 1.08
N ARG B 564 27.39 38.37 1.42
CA ARG B 564 28.46 37.42 1.14
C ARG B 564 27.92 36.22 0.38
N ASP B 565 28.54 35.92 -0.75
CA ASP B 565 28.16 34.75 -1.52
C ASP B 565 28.54 33.48 -0.75
N PRO B 566 27.74 32.42 -0.82
CA PRO B 566 28.09 31.20 -0.09
C PRO B 566 29.33 30.52 -0.64
N GLN B 567 29.41 30.40 -1.98
CA GLN B 567 30.56 29.76 -2.60
C GLN B 567 31.80 30.63 -2.43
N THR B 568 31.75 31.86 -2.93
CA THR B 568 32.87 32.79 -2.83
C THR B 568 32.67 33.70 -1.63
N LEU B 569 33.67 33.74 -0.75
CA LEU B 569 33.59 34.48 0.51
C LEU B 569 33.74 35.99 0.32
N GLU B 570 33.66 36.49 -0.91
CA GLU B 570 33.81 37.91 -1.16
C GLU B 570 32.68 38.71 -0.52
N ILE B 571 33.03 39.92 -0.07
CA ILE B 571 32.09 40.81 0.62
C ILE B 571 31.67 41.90 -0.35
N LEU B 572 30.37 42.02 -0.60
CA LEU B 572 29.84 42.92 -1.62
C LEU B 572 28.87 43.90 -0.99
N ASP B 573 29.10 45.19 -1.20
CA ASP B 573 28.15 46.22 -0.82
C ASP B 573 27.31 46.65 -2.01
N ILE B 574 26.20 47.31 -1.73
CA ILE B 574 25.18 47.62 -2.74
C ILE B 574 25.10 49.13 -2.93
N THR B 575 24.79 49.55 -4.17
CA THR B 575 24.42 50.92 -4.45
C THR B 575 23.19 50.93 -5.37
N PRO B 576 22.16 51.69 -5.00
CA PRO B 576 20.91 51.69 -5.77
C PRO B 576 21.08 52.30 -7.15
N CYS B 577 20.25 51.83 -8.08
CA CYS B 577 20.17 52.43 -9.40
C CYS B 577 19.17 53.59 -9.40
N SER B 578 19.11 54.29 -10.52
CA SER B 578 18.13 55.37 -10.70
C SER B 578 16.71 54.83 -10.73
#